data_8QPN
#
_entry.id   8QPN
#
_cell.length_a   77.79
_cell.length_b   86.869
_cell.length_c   99.022
_cell.angle_alpha   90
_cell.angle_beta   90
_cell.angle_gamma   90
#
_symmetry.space_group_name_H-M   'P 21 21 21'
#
loop_
_entity.id
_entity.type
_entity.pdbx_description
1 polymer 'Leukotriene A-4 hydrolase'
2 non-polymer 'ZINC ION'
3 non-polymer 'ACETATE ION'
4 non-polymer 'YTTERBIUM (III) ION'
5 non-polymer IMIDAZOLE
6 non-polymer (2S)-2-azanyl-3-[5-[4-(5-chloranyl-3-fluoranyl-pyridin-2-yl)oxyphenyl]-1,2,3,4-tetrazol-2-yl]propan-1-ol
7 water water
#
_entity_poly.entity_id   1
_entity_poly.type   'polypeptide(L)'
_entity_poly.pdbx_seq_one_letter_code
;GPGPEIVDTCSLASPASVCRTKHLHLRCSVDFTRRTLTGTAALTVQSQEDNLRSLVLDTKDLTIEKVVINGQEVKYALGE
RQSYKGSPMEISLPIALSKNQEIVIEISFETSPKSSALQWLTPEQTSGKEHPYLFSQCQAIHCRAILPCQDTPSVKLTYT
AEVSVPKELVALMSAIRDGETPDPEDPSRKIYKFIQKVPIPCYLIALVVGALESRQIGPRTLVWSEKEQVEKSAYEFSET
ESMLKIAEDLGGPYVWGQYDLLVLPPSFPYGGMENPCLTFVTPTLLAGDKSLSNVIAHEISHSWTGNLVTNKTWDHFWLN
EGHTVYLERHICGRLFGEKFRHFNALGGWGELQNSVKTFGETHPFTKLVVDLTDIDPDVAYSSVPYEKGFALLFYLEQLL
GGPEIFLGFLKAYVEKFSYKSITTDDWKDFLYSYFKDKVDVLNQVDWNAWLYSPGLPPIKPNYDMTLTNACIALSQRWIT
AKEDDLNSFNATDLKDLSSHQLNEFLAQTLQRAPLPLGHIKRMQEVYNFNAINNSEIRFRWLRLCIQSKWEDAIPLALKM
ATEQGRMKFTRPLFKDLAAFDKSHDQAVRTYQEHKASMHPVTAMLVGKDLKVD
;
_entity_poly.pdbx_strand_id   A
#
# COMPACT_ATOMS: atom_id res chain seq x y z
N VAL A 7 -6.80 21.79 6.27
CA VAL A 7 -7.98 21.36 5.51
C VAL A 7 -7.73 20.07 4.70
N ASP A 8 -8.50 19.02 4.99
CA ASP A 8 -8.41 17.76 4.26
C ASP A 8 -9.54 17.74 3.22
N THR A 9 -9.20 18.01 1.96
CA THR A 9 -10.16 18.06 0.88
C THR A 9 -10.73 16.69 0.50
N CYS A 10 -10.15 15.58 0.99
CA CYS A 10 -10.68 14.24 0.70
C CYS A 10 -11.76 13.80 1.69
N SER A 11 -11.93 14.51 2.81
CA SER A 11 -12.90 14.15 3.84
C SER A 11 -14.06 15.14 3.90
N LEU A 12 -15.25 14.63 4.14
CA LEU A 12 -16.45 15.45 4.34
C LEU A 12 -16.78 15.57 5.85
N ALA A 13 -16.02 14.91 6.73
CA ALA A 13 -16.27 14.94 8.17
C ALA A 13 -15.85 16.30 8.78
N SER A 14 -16.28 16.58 10.02
CA SER A 14 -15.81 17.73 10.80
C SER A 14 -14.32 17.59 10.97
N PRO A 15 -13.55 18.65 10.75
CA PRO A 15 -12.08 18.53 10.89
C PRO A 15 -11.64 18.42 12.37
N ALA A 16 -10.36 18.10 12.59
CA ALA A 16 -9.74 17.92 13.90
C ALA A 16 -9.82 19.19 14.76
N SER A 17 -9.92 20.36 14.12
CA SER A 17 -10.07 21.64 14.78
C SER A 17 -11.48 21.80 15.42
N VAL A 18 -12.48 20.99 15.00
CA VAL A 18 -13.84 21.03 15.51
C VAL A 18 -14.04 19.94 16.60
N CYS A 19 -13.70 18.70 16.25
CA CYS A 19 -13.82 17.56 17.18
C CYS A 19 -12.83 16.49 16.76
N ARG A 20 -12.40 15.64 17.72
CA ARG A 20 -11.44 14.58 17.42
C ARG A 20 -11.92 13.25 17.96
N THR A 21 -11.84 12.20 17.14
CA THR A 21 -12.21 10.88 17.62
C THR A 21 -11.00 10.35 18.41
N LYS A 22 -11.22 9.92 19.64
CA LYS A 22 -10.17 9.40 20.49
C LYS A 22 -10.14 7.87 20.50
N HIS A 23 -11.32 7.24 20.35
CA HIS A 23 -11.40 5.78 20.42
C HIS A 23 -12.57 5.27 19.60
N LEU A 24 -12.45 4.05 19.11
CA LEU A 24 -13.52 3.37 18.41
C LEU A 24 -13.67 2.04 19.08
N HIS A 25 -14.89 1.72 19.52
CA HIS A 25 -15.18 0.39 19.99
C HIS A 25 -16.11 -0.20 18.92
N LEU A 26 -15.61 -1.14 18.13
CA LEU A 26 -16.37 -1.77 17.05
C LEU A 26 -16.93 -3.11 17.49
N ARG A 27 -18.22 -3.32 17.34
CA ARG A 27 -18.84 -4.60 17.63
C ARG A 27 -19.55 -4.96 16.35
N CYS A 28 -19.06 -5.96 15.60
CA CYS A 28 -19.67 -6.30 14.33
C CYS A 28 -19.73 -7.78 14.08
N SER A 29 -20.53 -8.17 13.09
CA SER A 29 -20.74 -9.54 12.70
C SER A 29 -20.56 -9.60 11.17
N VAL A 30 -19.76 -10.56 10.70
CA VAL A 30 -19.45 -10.74 9.29
C VAL A 30 -20.45 -11.74 8.70
N ASP A 31 -21.35 -11.28 7.85
CA ASP A 31 -22.36 -12.14 7.25
C ASP A 31 -21.92 -12.47 5.82
N PHE A 32 -21.41 -13.68 5.58
CA PHE A 32 -20.94 -14.06 4.24
C PHE A 32 -22.07 -14.31 3.24
N THR A 33 -23.26 -14.67 3.71
CA THR A 33 -24.38 -14.98 2.81
C THR A 33 -24.97 -13.66 2.23
N ARG A 34 -24.99 -12.59 3.04
CA ARG A 34 -25.47 -11.30 2.56
C ARG A 34 -24.33 -10.38 2.09
N ARG A 35 -23.05 -10.74 2.37
CA ARG A 35 -21.86 -9.93 2.08
C ARG A 35 -21.95 -8.60 2.81
N THR A 36 -22.29 -8.67 4.09
CA THR A 36 -22.43 -7.48 4.90
C THR A 36 -21.65 -7.57 6.19
N LEU A 37 -21.22 -6.44 6.70
CA LEU A 37 -20.62 -6.29 8.01
C LEU A 37 -21.67 -5.47 8.75
N THR A 38 -22.31 -6.04 9.77
CA THR A 38 -23.35 -5.33 10.50
C THR A 38 -22.93 -5.15 11.94
N GLY A 39 -23.14 -3.98 12.51
CA GLY A 39 -22.81 -3.77 13.92
C GLY A 39 -22.91 -2.34 14.39
N THR A 40 -22.20 -2.06 15.47
CA THR A 40 -22.16 -0.73 16.04
C THR A 40 -20.73 -0.23 16.08
N ALA A 41 -20.57 1.03 15.78
CA ALA A 41 -19.30 1.70 15.85
C ALA A 41 -19.51 2.76 16.95
N ALA A 42 -18.90 2.55 18.12
CA ALA A 42 -19.04 3.52 19.21
C ALA A 42 -17.79 4.38 19.17
N LEU A 43 -17.98 5.65 18.88
CA LEU A 43 -16.88 6.59 18.76
C LEU A 43 -16.83 7.47 19.99
N THR A 44 -15.66 7.56 20.62
CA THR A 44 -15.46 8.47 21.73
C THR A 44 -14.93 9.72 21.05
N VAL A 45 -15.72 10.79 21.06
CA VAL A 45 -15.38 12.02 20.38
C VAL A 45 -15.14 13.13 21.40
N GLN A 46 -14.06 13.89 21.22
CA GLN A 46 -13.73 15.00 22.08
C GLN A 46 -13.96 16.31 21.32
N SER A 47 -14.79 17.18 21.87
CA SER A 47 -15.02 18.48 21.26
C SER A 47 -13.76 19.32 21.35
N GLN A 48 -13.44 20.05 20.30
CA GLN A 48 -12.34 21.01 20.31
C GLN A 48 -12.86 22.45 20.35
N GLU A 49 -14.19 22.65 20.45
CA GLU A 49 -14.83 23.96 20.42
C GLU A 49 -15.87 24.07 21.51
N ASP A 50 -16.15 25.31 21.88
CA ASP A 50 -17.20 25.62 22.80
C ASP A 50 -18.56 25.48 22.12
N ASN A 51 -19.59 25.06 22.87
CA ASN A 51 -20.96 24.96 22.40
C ASN A 51 -21.12 24.11 21.12
N LEU A 52 -20.46 22.94 21.09
CA LEU A 52 -20.54 22.07 19.93
C LEU A 52 -21.88 21.32 19.97
N ARG A 53 -22.70 21.52 18.96
CA ARG A 53 -24.05 20.92 18.93
C ARG A 53 -24.28 19.91 17.83
N SER A 54 -23.35 19.74 16.94
CA SER A 54 -23.44 18.78 15.86
C SER A 54 -22.07 18.47 15.30
N LEU A 55 -21.98 17.36 14.60
CA LEU A 55 -20.75 16.98 13.95
C LEU A 55 -21.02 16.12 12.72
N VAL A 56 -20.08 16.10 11.79
CA VAL A 56 -20.25 15.37 10.55
C VAL A 56 -19.23 14.25 10.45
N LEU A 57 -19.67 13.08 9.97
CA LEU A 57 -18.81 11.94 9.75
C LEU A 57 -18.86 11.52 8.30
N ASP A 58 -17.80 10.87 7.84
CA ASP A 58 -17.73 10.31 6.51
C ASP A 58 -18.42 8.93 6.52
N THR A 59 -19.11 8.61 5.44
CA THR A 59 -19.74 7.31 5.20
C THR A 59 -19.68 7.08 3.69
N LYS A 60 -19.77 5.82 3.26
CA LYS A 60 -19.81 5.54 1.83
C LYS A 60 -20.54 4.24 1.67
N ASP A 61 -21.78 4.30 1.17
CA ASP A 61 -22.61 3.13 0.94
C ASP A 61 -22.91 2.36 2.22
N LEU A 62 -23.05 3.09 3.33
CA LEU A 62 -23.40 2.49 4.60
C LEU A 62 -24.89 2.68 4.80
N THR A 63 -25.52 1.69 5.40
CA THR A 63 -26.93 1.80 5.76
C THR A 63 -26.90 2.10 7.25
N ILE A 64 -27.50 3.22 7.66
CA ILE A 64 -27.53 3.58 9.06
C ILE A 64 -28.88 3.21 9.64
N GLU A 65 -28.88 2.44 10.73
CA GLU A 65 -30.09 2.03 11.41
C GLU A 65 -30.46 3.08 12.46
N LYS A 66 -29.47 3.56 13.23
CA LYS A 66 -29.73 4.54 14.30
C LYS A 66 -28.43 5.06 14.93
N VAL A 67 -28.55 6.17 15.67
CA VAL A 67 -27.44 6.77 16.39
C VAL A 67 -27.85 6.97 17.85
N VAL A 68 -27.13 6.37 18.78
CA VAL A 68 -27.45 6.47 20.19
C VAL A 68 -26.39 7.23 20.96
N ILE A 69 -26.82 8.23 21.74
CA ILE A 69 -25.96 9.01 22.61
C ILE A 69 -26.69 9.07 23.94
N ASN A 70 -26.05 8.68 25.04
CA ASN A 70 -26.68 8.70 26.36
C ASN A 70 -27.90 7.80 26.46
N GLY A 71 -27.87 6.68 25.76
CA GLY A 71 -28.95 5.71 25.79
C GLY A 71 -30.18 6.08 24.99
N GLN A 72 -30.15 7.22 24.28
CA GLN A 72 -31.30 7.62 23.48
C GLN A 72 -30.93 7.92 22.02
N GLU A 73 -31.88 7.70 21.11
CA GLU A 73 -31.67 7.92 19.68
C GLU A 73 -31.71 9.38 19.36
N VAL A 74 -30.74 9.82 18.58
CA VAL A 74 -30.63 11.22 18.20
C VAL A 74 -30.91 11.38 16.70
N LYS A 75 -31.20 12.61 16.28
CA LYS A 75 -31.41 12.90 14.89
C LYS A 75 -30.07 12.93 14.17
N TYR A 76 -30.11 12.49 12.93
CA TYR A 76 -28.98 12.48 12.03
C TYR A 76 -29.52 12.61 10.59
N ALA A 77 -28.66 13.04 9.66
CA ALA A 77 -29.04 13.16 8.28
C ALA A 77 -27.88 12.82 7.39
N LEU A 78 -28.15 12.11 6.32
CA LEU A 78 -27.14 11.76 5.33
C LEU A 78 -27.32 12.75 4.18
N GLY A 79 -26.24 13.39 3.78
CA GLY A 79 -26.28 14.32 2.66
C GLY A 79 -26.19 13.57 1.33
N GLU A 80 -26.28 14.33 0.24
CA GLU A 80 -26.17 13.78 -1.11
C GLU A 80 -24.75 13.19 -1.33
N ARG A 81 -24.66 12.05 -2.03
CA ARG A 81 -23.38 11.42 -2.28
C ARG A 81 -22.48 12.34 -3.11
N GLN A 82 -21.19 12.38 -2.79
CA GLN A 82 -20.24 13.22 -3.48
C GLN A 82 -19.22 12.36 -4.17
N SER A 83 -19.71 11.56 -5.12
CA SER A 83 -18.88 10.65 -5.91
C SER A 83 -18.07 9.70 -4.96
N TYR A 84 -16.74 9.54 -5.14
CA TYR A 84 -15.86 8.69 -4.36
C TYR A 84 -15.74 9.12 -2.89
N LYS A 85 -16.08 10.39 -2.55
CA LYS A 85 -16.01 10.82 -1.14
C LYS A 85 -17.11 10.22 -0.27
N GLY A 86 -18.17 9.71 -0.88
CA GLY A 86 -19.29 9.15 -0.14
C GLY A 86 -20.30 10.19 0.29
N SER A 87 -21.07 9.90 1.33
CA SER A 87 -22.10 10.80 1.81
C SER A 87 -21.75 11.32 3.19
N PRO A 88 -21.92 12.63 3.44
CA PRO A 88 -21.64 13.14 4.79
C PRO A 88 -22.79 12.77 5.73
N MET A 89 -22.47 12.47 6.98
CA MET A 89 -23.46 12.09 7.97
C MET A 89 -23.40 13.10 9.10
N GLU A 90 -24.41 13.98 9.19
CA GLU A 90 -24.44 15.00 10.23
C GLU A 90 -25.28 14.49 11.40
N ILE A 91 -24.75 14.52 12.62
CA ILE A 91 -25.46 14.03 13.80
C ILE A 91 -25.74 15.20 14.73
N SER A 92 -26.97 15.32 15.25
CA SER A 92 -27.32 16.38 16.18
C SER A 92 -27.09 15.86 17.60
N LEU A 93 -26.21 16.51 18.35
CA LEU A 93 -25.91 16.10 19.69
C LEU A 93 -27.06 16.49 20.62
N PRO A 94 -27.44 15.60 21.55
CA PRO A 94 -28.56 15.91 22.43
C PRO A 94 -28.29 17.09 23.36
N ILE A 95 -27.02 17.33 23.71
CA ILE A 95 -26.65 18.46 24.55
C ILE A 95 -25.30 19.03 24.08
N ALA A 96 -25.22 20.37 24.08
CA ALA A 96 -24.06 21.13 23.65
C ALA A 96 -22.83 20.79 24.48
N LEU A 97 -21.69 20.58 23.80
CA LEU A 97 -20.46 20.22 24.48
C LEU A 97 -19.51 21.37 24.60
N SER A 98 -18.87 21.46 25.76
CA SER A 98 -17.82 22.42 26.05
C SER A 98 -16.50 21.92 25.41
N LYS A 99 -15.48 22.79 25.34
CA LYS A 99 -14.19 22.39 24.80
C LYS A 99 -13.56 21.31 25.69
N ASN A 100 -12.98 20.27 25.05
CA ASN A 100 -12.34 19.10 25.66
C ASN A 100 -13.32 18.11 26.30
N GLN A 101 -14.64 18.34 26.13
CA GLN A 101 -15.62 17.42 26.64
C GLN A 101 -15.74 16.20 25.72
N GLU A 102 -15.80 15.00 26.31
CA GLU A 102 -15.92 13.79 25.54
C GLU A 102 -17.27 13.14 25.67
N ILE A 103 -17.78 12.58 24.57
CA ILE A 103 -19.03 11.82 24.55
C ILE A 103 -18.85 10.55 23.72
N VAL A 104 -19.71 9.56 23.94
CA VAL A 104 -19.65 8.32 23.16
C VAL A 104 -20.86 8.32 22.22
N ILE A 105 -20.61 8.18 20.91
CA ILE A 105 -21.65 8.14 19.91
C ILE A 105 -21.67 6.75 19.29
N GLU A 106 -22.75 5.99 19.52
CA GLU A 106 -22.85 4.64 19.01
C GLU A 106 -23.72 4.61 17.76
N ILE A 107 -23.14 4.22 16.63
CA ILE A 107 -23.88 4.19 15.37
C ILE A 107 -24.10 2.76 14.94
N SER A 108 -25.37 2.35 14.79
CA SER A 108 -25.73 1.04 14.29
C SER A 108 -25.75 1.14 12.79
N PHE A 109 -24.92 0.34 12.12
CA PHE A 109 -24.74 0.41 10.68
C PHE A 109 -24.62 -0.98 10.03
N GLU A 110 -24.62 -0.97 8.69
CA GLU A 110 -24.39 -2.14 7.88
C GLU A 110 -23.72 -1.72 6.57
N THR A 111 -22.74 -2.49 6.11
CA THR A 111 -22.02 -2.18 4.88
C THR A 111 -22.79 -2.66 3.66
N SER A 112 -22.48 -2.09 2.50
CA SER A 112 -23.04 -2.53 1.24
C SER A 112 -22.18 -3.70 0.77
N PRO A 113 -22.77 -4.68 0.06
CA PRO A 113 -21.94 -5.74 -0.53
C PRO A 113 -20.91 -5.17 -1.53
N LYS A 114 -21.18 -3.97 -2.11
CA LYS A 114 -20.28 -3.30 -3.05
C LYS A 114 -19.32 -2.33 -2.38
N SER A 115 -19.13 -2.42 -1.04
CA SER A 115 -18.18 -1.59 -0.28
C SER A 115 -16.80 -1.59 -0.94
N SER A 116 -16.29 -0.39 -1.28
CA SER A 116 -14.99 -0.25 -1.92
C SER A 116 -13.80 -0.64 -1.03
N ALA A 117 -14.03 -0.82 0.27
CA ALA A 117 -12.99 -1.24 1.20
C ALA A 117 -12.82 -2.74 1.27
N LEU A 118 -13.82 -3.51 0.84
CA LEU A 118 -13.84 -4.94 1.06
C LEU A 118 -13.83 -5.76 -0.19
N GLN A 119 -13.32 -6.97 -0.07
CA GLN A 119 -13.43 -7.94 -1.13
C GLN A 119 -13.95 -9.19 -0.50
N TRP A 120 -15.13 -9.64 -0.94
CA TRP A 120 -15.78 -10.85 -0.48
C TRP A 120 -15.42 -11.95 -1.48
N LEU A 121 -14.82 -13.03 -1.01
CA LEU A 121 -14.39 -14.13 -1.86
C LEU A 121 -15.22 -15.34 -1.61
N THR A 122 -15.70 -15.98 -2.67
CA THR A 122 -16.43 -17.23 -2.56
C THR A 122 -15.38 -18.34 -2.29
N PRO A 123 -15.81 -19.53 -1.81
CA PRO A 123 -14.87 -20.64 -1.61
C PRO A 123 -13.96 -20.95 -2.81
N GLU A 124 -14.50 -20.89 -4.04
CA GLU A 124 -13.74 -21.15 -5.28
C GLU A 124 -12.59 -20.17 -5.51
N GLN A 125 -12.70 -18.97 -4.95
CA GLN A 125 -11.64 -17.96 -5.09
C GLN A 125 -10.52 -18.10 -4.02
N THR A 126 -10.61 -19.11 -3.14
CA THR A 126 -9.62 -19.30 -2.08
C THR A 126 -8.69 -20.49 -2.43
N SER A 127 -7.63 -20.71 -1.62
CA SER A 127 -6.74 -21.87 -1.83
C SER A 127 -7.43 -23.16 -1.39
N GLY A 128 -8.15 -23.10 -0.27
CA GLY A 128 -8.77 -24.28 0.31
C GLY A 128 -10.03 -24.78 -0.34
N LYS A 129 -10.79 -23.87 -1.02
CA LYS A 129 -12.02 -24.18 -1.77
C LYS A 129 -13.24 -24.59 -0.94
N GLU A 130 -13.17 -24.56 0.40
CA GLU A 130 -14.32 -24.94 1.23
C GLU A 130 -14.97 -23.72 1.88
N HIS A 131 -14.16 -22.75 2.28
CA HIS A 131 -14.66 -21.58 2.99
C HIS A 131 -14.52 -20.27 2.21
N PRO A 132 -15.46 -19.33 2.45
CA PRO A 132 -15.29 -18.00 1.86
C PRO A 132 -14.19 -17.19 2.60
N TYR A 133 -13.91 -15.96 2.15
CA TYR A 133 -12.87 -15.13 2.74
C TYR A 133 -13.25 -13.65 2.59
N LEU A 134 -12.84 -12.81 3.51
CA LEU A 134 -13.08 -11.38 3.44
C LEU A 134 -11.80 -10.66 3.85
N PHE A 135 -11.44 -9.59 3.16
CA PHE A 135 -10.34 -8.75 3.59
C PHE A 135 -10.65 -7.28 3.29
N SER A 136 -10.08 -6.39 4.11
CA SER A 136 -10.26 -4.97 3.92
C SER A 136 -8.96 -4.31 3.38
N GLN A 137 -9.12 -3.11 2.82
CA GLN A 137 -8.06 -2.25 2.34
C GLN A 137 -8.62 -0.83 2.46
N CYS A 138 -8.30 -0.18 3.59
CA CYS A 138 -8.85 1.15 3.84
C CYS A 138 -8.06 2.27 3.24
N GLN A 139 -6.74 2.09 2.99
CA GLN A 139 -5.97 3.19 2.41
C GLN A 139 -6.43 3.43 0.96
N ALA A 140 -6.70 4.70 0.59
CA ALA A 140 -6.53 5.89 1.45
C ALA A 140 -7.81 6.26 2.20
N ILE A 141 -8.96 6.29 1.49
CA ILE A 141 -10.18 6.78 2.08
C ILE A 141 -11.34 5.80 1.93
N HIS A 142 -11.06 4.54 2.24
CA HIS A 142 -12.07 3.50 2.19
C HIS A 142 -12.56 3.09 3.58
N CYS A 143 -12.00 3.64 4.69
CA CYS A 143 -12.54 3.30 6.01
C CYS A 143 -14.01 3.74 6.14
N ARG A 144 -14.39 4.85 5.47
CA ARG A 144 -15.77 5.35 5.51
C ARG A 144 -16.75 4.35 4.83
N ALA A 145 -16.24 3.43 3.99
CA ALA A 145 -17.05 2.39 3.37
C ALA A 145 -17.18 1.13 4.27
N ILE A 146 -16.58 1.16 5.48
CA ILE A 146 -16.73 0.11 6.48
C ILE A 146 -17.53 0.72 7.64
N LEU A 147 -17.14 1.92 8.11
CA LEU A 147 -17.79 2.49 9.28
C LEU A 147 -17.83 4.01 9.26
N PRO A 148 -18.84 4.62 9.94
CA PRO A 148 -18.89 6.09 9.98
C PRO A 148 -17.71 6.60 10.79
N CYS A 149 -16.95 7.55 10.25
CA CYS A 149 -15.73 8.01 10.91
C CYS A 149 -15.26 9.34 10.35
N GLN A 150 -14.32 10.01 11.03
CA GLN A 150 -13.68 11.20 10.47
C GLN A 150 -12.58 10.56 9.67
N ASP A 151 -12.88 10.25 8.39
CA ASP A 151 -11.95 9.53 7.54
C ASP A 151 -10.80 10.40 7.01
N THR A 152 -9.88 10.75 7.89
CA THR A 152 -8.76 11.62 7.58
C THR A 152 -7.58 11.21 8.44
N PRO A 153 -6.37 11.20 7.85
CA PRO A 153 -5.19 10.82 8.65
C PRO A 153 -4.76 11.87 9.68
N SER A 154 -5.41 13.05 9.68
CA SER A 154 -5.14 14.11 10.66
C SER A 154 -5.74 13.78 12.06
N VAL A 155 -6.54 12.72 12.16
CA VAL A 155 -7.13 12.29 13.41
C VAL A 155 -6.58 10.89 13.74
N LYS A 156 -6.05 10.73 14.95
CA LYS A 156 -5.53 9.44 15.40
C LYS A 156 -6.32 8.96 16.58
N LEU A 157 -6.66 7.69 16.56
CA LEU A 157 -7.48 7.12 17.62
C LEU A 157 -7.03 5.73 18.01
N THR A 158 -7.39 5.29 19.21
CA THR A 158 -7.14 3.89 19.61
C THR A 158 -8.41 3.10 19.24
N TYR A 159 -8.37 1.75 19.31
CA TYR A 159 -9.58 1.02 19.04
C TYR A 159 -9.64 -0.33 19.71
N THR A 160 -10.88 -0.78 19.95
CA THR A 160 -11.16 -2.12 20.44
C THR A 160 -12.20 -2.68 19.47
N ALA A 161 -12.22 -4.00 19.29
CA ALA A 161 -13.20 -4.62 18.41
C ALA A 161 -13.58 -6.00 18.84
N GLU A 162 -14.82 -6.38 18.57
CA GLU A 162 -15.36 -7.71 18.81
C GLU A 162 -16.00 -8.08 17.49
N VAL A 163 -15.50 -9.14 16.85
CA VAL A 163 -15.93 -9.55 15.52
C VAL A 163 -16.51 -10.96 15.53
N SER A 164 -17.79 -11.08 15.19
CA SER A 164 -18.47 -12.36 15.15
C SER A 164 -18.40 -12.93 13.77
N VAL A 165 -17.84 -14.12 13.67
CA VAL A 165 -17.64 -14.80 12.39
C VAL A 165 -18.10 -16.25 12.50
N PRO A 166 -18.42 -16.98 11.40
CA PRO A 166 -18.71 -18.42 11.52
C PRO A 166 -17.56 -19.13 12.26
N LYS A 167 -17.89 -19.97 13.25
CA LYS A 167 -16.92 -20.61 14.15
C LYS A 167 -15.74 -21.33 13.48
N GLU A 168 -15.90 -21.79 12.23
CA GLU A 168 -14.83 -22.49 11.53
C GLU A 168 -13.76 -21.52 10.96
N LEU A 169 -14.06 -20.22 10.92
CA LEU A 169 -13.20 -19.20 10.38
C LEU A 169 -12.48 -18.41 11.48
N VAL A 170 -11.45 -17.65 11.10
CA VAL A 170 -10.62 -16.88 12.00
C VAL A 170 -10.67 -15.43 11.58
N ALA A 171 -10.81 -14.51 12.55
CA ALA A 171 -10.76 -13.08 12.30
C ALA A 171 -9.41 -12.56 12.81
N LEU A 172 -8.81 -11.63 12.04
CA LEU A 172 -7.61 -10.91 12.43
C LEU A 172 -7.81 -9.43 12.11
N MET A 173 -7.20 -8.58 12.89
CA MET A 173 -7.26 -7.14 12.70
C MET A 173 -5.86 -6.50 12.89
N SER A 174 -5.76 -5.21 12.61
CA SER A 174 -4.53 -4.44 12.78
C SER A 174 -4.47 -4.00 14.25
N ALA A 175 -4.36 -4.98 15.14
CA ALA A 175 -4.45 -4.85 16.58
C ALA A 175 -3.90 -6.14 17.26
N ILE A 176 -3.67 -6.10 18.56
CA ILE A 176 -3.24 -7.26 19.31
C ILE A 176 -4.47 -8.16 19.51
N ARG A 177 -4.34 -9.48 19.31
CA ARG A 177 -5.46 -10.41 19.53
C ARG A 177 -5.73 -10.45 21.01
N ASP A 178 -6.99 -10.28 21.39
CA ASP A 178 -7.41 -10.16 22.77
C ASP A 178 -8.40 -11.23 23.19
N GLY A 179 -8.23 -12.44 22.67
CA GLY A 179 -9.10 -13.55 23.03
C GLY A 179 -10.16 -13.89 22.01
N GLU A 180 -10.84 -15.01 22.26
CA GLU A 180 -11.90 -15.52 21.41
C GLU A 180 -12.88 -16.31 22.27
N THR A 181 -14.17 -16.19 22.00
CA THR A 181 -15.20 -16.92 22.74
C THR A 181 -16.27 -17.38 21.77
N PRO A 182 -17.07 -18.41 22.11
CA PRO A 182 -18.25 -18.72 21.27
C PRO A 182 -19.24 -17.54 21.34
N ASP A 183 -19.95 -17.23 20.26
CA ASP A 183 -20.91 -16.13 20.24
C ASP A 183 -22.12 -16.49 21.12
N PRO A 184 -22.44 -15.68 22.15
CA PRO A 184 -23.60 -16.00 23.00
C PRO A 184 -24.96 -15.94 22.28
N GLU A 185 -25.05 -15.17 21.20
CA GLU A 185 -26.29 -15.05 20.42
C GLU A 185 -26.39 -16.11 19.31
N ASP A 186 -25.31 -16.86 19.02
CA ASP A 186 -25.32 -17.84 17.93
C ASP A 186 -24.17 -18.84 18.11
N PRO A 187 -24.48 -20.06 18.60
CA PRO A 187 -23.44 -21.08 18.79
C PRO A 187 -22.69 -21.55 17.53
N SER A 188 -23.14 -21.16 16.32
CA SER A 188 -22.41 -21.51 15.10
C SER A 188 -21.31 -20.47 14.77
N ARG A 189 -21.12 -19.47 15.64
CA ARG A 189 -20.19 -18.36 15.46
C ARG A 189 -19.25 -18.20 16.63
N LYS A 190 -18.14 -17.50 16.37
CA LYS A 190 -17.15 -17.15 17.36
C LYS A 190 -16.96 -15.65 17.32
N ILE A 191 -16.70 -15.07 18.48
CA ILE A 191 -16.36 -13.67 18.58
C ILE A 191 -14.86 -13.59 18.86
N TYR A 192 -14.14 -12.87 18.02
CA TYR A 192 -12.73 -12.61 18.17
C TYR A 192 -12.60 -11.18 18.67
N LYS A 193 -11.74 -10.96 19.66
CA LYS A 193 -11.57 -9.65 20.26
C LYS A 193 -10.20 -9.09 19.95
N PHE A 194 -10.09 -7.73 19.86
CA PHE A 194 -8.88 -7.04 19.46
C PHE A 194 -8.70 -5.74 20.20
N ILE A 195 -7.43 -5.33 20.37
CA ILE A 195 -7.13 -4.06 21.01
C ILE A 195 -5.91 -3.39 20.35
N GLN A 196 -6.10 -2.14 19.94
CA GLN A 196 -5.06 -1.30 19.40
C GLN A 196 -4.90 -0.11 20.35
N LYS A 197 -3.89 -0.20 21.23
CA LYS A 197 -3.58 0.81 22.28
C LYS A 197 -2.77 1.99 21.78
N VAL A 198 -2.19 1.90 20.59
CA VAL A 198 -1.44 3.01 20.02
C VAL A 198 -2.38 3.79 19.10
N PRO A 199 -2.47 5.11 19.29
CA PRO A 199 -3.33 5.91 18.41
C PRO A 199 -2.91 5.85 16.94
N ILE A 200 -3.87 5.50 16.07
CA ILE A 200 -3.63 5.36 14.65
C ILE A 200 -4.62 6.16 13.81
N PRO A 201 -4.21 6.57 12.60
CA PRO A 201 -5.19 7.13 11.65
C PRO A 201 -6.12 5.97 11.21
N CYS A 202 -7.39 6.29 10.90
CA CYS A 202 -8.38 5.26 10.59
C CYS A 202 -8.09 4.42 9.34
N TYR A 203 -7.23 4.93 8.41
CA TYR A 203 -6.89 4.12 7.23
C TYR A 203 -6.09 2.85 7.61
N LEU A 204 -5.56 2.79 8.86
CA LEU A 204 -4.82 1.64 9.36
C LEU A 204 -5.71 0.56 10.02
N ILE A 205 -7.03 0.78 10.07
CA ILE A 205 -7.96 -0.22 10.56
C ILE A 205 -8.07 -1.31 9.47
N ALA A 206 -7.89 -2.57 9.86
CA ALA A 206 -7.94 -3.68 8.90
C ALA A 206 -8.64 -4.89 9.46
N LEU A 207 -9.24 -5.69 8.58
CA LEU A 207 -9.95 -6.89 8.99
C LEU A 207 -9.79 -7.97 7.92
N VAL A 208 -9.51 -9.19 8.35
CA VAL A 208 -9.48 -10.33 7.47
C VAL A 208 -10.29 -11.45 8.19
N VAL A 209 -11.10 -12.18 7.44
CA VAL A 209 -11.86 -13.29 7.98
C VAL A 209 -11.72 -14.43 6.98
N GLY A 210 -11.13 -15.54 7.41
CA GLY A 210 -10.94 -16.67 6.53
C GLY A 210 -10.47 -17.91 7.26
N ALA A 211 -10.26 -18.99 6.52
CA ALA A 211 -9.77 -20.24 7.10
C ALA A 211 -8.26 -20.07 7.20
N LEU A 212 -7.81 -19.34 8.22
CA LEU A 212 -6.40 -19.00 8.39
C LEU A 212 -5.71 -19.87 9.42
N GLU A 213 -4.45 -20.15 9.16
CA GLU A 213 -3.55 -20.88 10.05
C GLU A 213 -2.30 -20.04 10.25
N SER A 214 -1.57 -20.28 11.33
CA SER A 214 -0.36 -19.50 11.62
C SER A 214 0.84 -20.35 11.94
N ARG A 215 2.02 -19.80 11.65
CA ARG A 215 3.28 -20.42 12.02
C ARG A 215 4.20 -19.32 12.58
N GLN A 216 4.84 -19.59 13.73
CA GLN A 216 5.78 -18.65 14.29
C GLN A 216 7.07 -18.64 13.45
N ILE A 217 7.59 -17.46 13.17
CA ILE A 217 8.84 -17.32 12.41
C ILE A 217 9.87 -16.40 13.11
N GLY A 218 9.52 -15.86 14.25
CA GLY A 218 10.40 -14.99 15.02
C GLY A 218 9.84 -14.75 16.40
N PRO A 219 10.62 -14.15 17.30
CA PRO A 219 10.11 -13.92 18.68
C PRO A 219 8.82 -13.08 18.75
N ARG A 220 8.57 -12.20 17.77
CA ARG A 220 7.34 -11.40 17.78
C ARG A 220 6.60 -11.45 16.45
N THR A 221 6.73 -12.56 15.72
CA THR A 221 6.09 -12.67 14.42
C THR A 221 5.49 -14.01 14.12
N LEU A 222 4.22 -14.01 13.76
CA LEU A 222 3.55 -15.18 13.23
C LEU A 222 3.25 -14.86 11.78
N VAL A 223 3.36 -15.86 10.90
CA VAL A 223 2.93 -15.70 9.54
C VAL A 223 1.57 -16.39 9.43
N TRP A 224 0.59 -15.69 8.85
CA TRP A 224 -0.75 -16.21 8.69
C TRP A 224 -1.09 -16.26 7.22
N SER A 225 -1.79 -17.31 6.84
CA SER A 225 -2.26 -17.52 5.47
CA SER A 225 -2.29 -17.49 5.49
C SER A 225 -3.20 -18.73 5.50
N GLU A 226 -3.73 -19.16 4.36
CA GLU A 226 -4.50 -20.38 4.28
C GLU A 226 -3.44 -21.51 4.39
N LYS A 227 -3.82 -22.67 4.91
CA LYS A 227 -2.92 -23.82 5.12
C LYS A 227 -1.92 -24.11 3.98
N GLU A 228 -2.40 -24.00 2.72
CA GLU A 228 -1.61 -24.31 1.52
C GLU A 228 -0.41 -23.37 1.32
N GLN A 229 -0.43 -22.17 1.95
CA GLN A 229 0.66 -21.22 1.77
C GLN A 229 1.54 -21.01 3.00
N VAL A 230 1.15 -21.57 4.18
CA VAL A 230 1.91 -21.39 5.42
C VAL A 230 3.40 -21.70 5.28
N GLU A 231 3.75 -22.93 4.85
CA GLU A 231 5.12 -23.36 4.74
C GLU A 231 5.97 -22.48 3.83
N LYS A 232 5.48 -22.20 2.62
CA LYS A 232 6.20 -21.34 1.68
C LYS A 232 6.39 -19.93 2.26
N SER A 233 5.35 -19.39 2.89
CA SER A 233 5.43 -18.05 3.48
C SER A 233 6.41 -17.97 4.64
N ALA A 234 6.47 -19.02 5.48
CA ALA A 234 7.38 -19.02 6.62
C ALA A 234 8.84 -18.97 6.13
N TYR A 235 9.16 -19.68 5.03
CA TYR A 235 10.52 -19.63 4.50
C TYR A 235 10.75 -18.26 3.86
N GLU A 236 9.82 -17.82 3.02
CA GLU A 236 9.96 -16.58 2.27
C GLU A 236 10.25 -15.37 3.16
N PHE A 237 9.59 -15.31 4.32
CA PHE A 237 9.71 -14.16 5.23
C PHE A 237 10.54 -14.44 6.46
N SER A 238 11.46 -15.41 6.41
CA SER A 238 12.30 -15.75 7.57
C SER A 238 13.27 -14.65 8.02
N GLU A 239 13.56 -13.68 7.14
CA GLU A 239 14.45 -12.56 7.49
C GLU A 239 13.71 -11.41 8.22
N THR A 240 12.40 -11.54 8.47
CA THR A 240 11.58 -10.53 9.15
C THR A 240 12.15 -10.01 10.49
N GLU A 241 12.53 -10.91 11.42
CA GLU A 241 13.07 -10.48 12.71
C GLU A 241 14.38 -9.71 12.53
N SER A 242 15.28 -10.15 11.61
CA SER A 242 16.54 -9.44 11.38
CA SER A 242 16.54 -9.44 11.37
C SER A 242 16.26 -8.01 10.90
N MET A 243 15.28 -7.86 10.01
CA MET A 243 14.90 -6.55 9.47
C MET A 243 14.27 -5.67 10.55
N LEU A 244 13.48 -6.27 11.46
CA LEU A 244 12.86 -5.51 12.54
C LEU A 244 13.91 -4.96 13.47
N LYS A 245 14.94 -5.78 13.77
CA LYS A 245 16.05 -5.36 14.63
C LYS A 245 16.83 -4.21 14.00
N ILE A 246 17.08 -4.26 12.69
CA ILE A 246 17.78 -3.16 12.01
C ILE A 246 16.88 -1.92 11.97
N ALA A 247 15.58 -2.10 11.66
CA ALA A 247 14.63 -0.97 11.65
C ALA A 247 14.55 -0.29 13.01
N GLU A 248 14.66 -1.07 14.12
CA GLU A 248 14.65 -0.51 15.47
C GLU A 248 15.92 0.30 15.71
N ASP A 249 17.06 -0.17 15.21
CA ASP A 249 18.31 0.56 15.32
C ASP A 249 18.21 1.89 14.58
N LEU A 250 17.55 1.92 13.43
CA LEU A 250 17.40 3.14 12.63
C LEU A 250 16.32 4.11 13.11
N GLY A 251 15.16 3.60 13.50
CA GLY A 251 14.04 4.45 13.86
C GLY A 251 13.67 4.56 15.31
N GLY A 252 14.34 3.80 16.16
CA GLY A 252 14.01 3.78 17.58
C GLY A 252 13.10 2.60 17.91
N PRO A 253 12.67 2.50 19.15
CA PRO A 253 11.84 1.36 19.56
C PRO A 253 10.62 1.03 18.70
N TYR A 254 10.38 -0.28 18.52
CA TYR A 254 9.18 -0.75 17.86
C TYR A 254 8.14 -0.70 18.98
N VAL A 255 7.06 0.07 18.80
CA VAL A 255 6.07 0.25 19.87
C VAL A 255 4.79 -0.54 19.72
N TRP A 256 4.65 -1.33 18.65
CA TRP A 256 3.39 -2.01 18.36
C TRP A 256 3.22 -3.40 18.98
N GLY A 257 4.23 -3.86 19.71
CA GLY A 257 4.18 -5.17 20.33
C GLY A 257 4.53 -6.24 19.33
N GLN A 258 3.53 -6.73 18.64
CA GLN A 258 3.65 -7.81 17.66
C GLN A 258 3.92 -7.27 16.26
N TYR A 259 4.60 -8.07 15.43
CA TYR A 259 4.75 -7.77 14.02
C TYR A 259 4.35 -9.05 13.29
N ASP A 260 3.08 -9.22 12.97
CA ASP A 260 2.63 -10.41 12.24
C ASP A 260 2.52 -10.10 10.77
N LEU A 261 2.51 -11.15 9.95
CA LEU A 261 2.35 -11.01 8.50
C LEU A 261 1.17 -11.85 8.08
N LEU A 262 0.41 -11.36 7.14
CA LEU A 262 -0.74 -12.08 6.61
C LEU A 262 -0.51 -12.13 5.10
N VAL A 263 -0.47 -13.35 4.54
CA VAL A 263 -0.31 -13.52 3.10
C VAL A 263 -1.69 -13.68 2.56
N LEU A 264 -2.16 -12.66 1.87
CA LEU A 264 -3.53 -12.60 1.36
C LEU A 264 -3.75 -13.48 0.12
N PRO A 265 -5.01 -13.65 -0.35
CA PRO A 265 -5.23 -14.35 -1.62
C PRO A 265 -4.68 -13.50 -2.78
N PRO A 266 -4.55 -14.09 -3.99
CA PRO A 266 -3.91 -13.35 -5.09
C PRO A 266 -4.52 -12.02 -5.50
N SER A 267 -5.81 -11.77 -5.20
CA SER A 267 -6.46 -10.51 -5.60
C SER A 267 -6.10 -9.30 -4.74
N PHE A 268 -5.28 -9.46 -3.69
CA PHE A 268 -4.86 -8.32 -2.87
C PHE A 268 -4.23 -7.23 -3.78
N PRO A 269 -4.81 -6.03 -3.80
CA PRO A 269 -4.42 -5.04 -4.83
C PRO A 269 -3.03 -4.38 -4.71
N TYR A 270 -2.36 -4.51 -3.55
CA TYR A 270 -1.03 -3.90 -3.40
C TYR A 270 0.03 -4.94 -3.04
N GLY A 271 1.32 -4.55 -3.11
CA GLY A 271 2.40 -5.45 -2.71
C GLY A 271 2.33 -5.70 -1.20
N GLY A 272 2.01 -4.66 -0.45
CA GLY A 272 1.88 -4.74 0.99
C GLY A 272 1.03 -3.62 1.57
N MET A 273 0.58 -3.78 2.79
CA MET A 273 -0.17 -2.74 3.50
C MET A 273 0.28 -2.85 4.93
N GLU A 274 0.84 -1.77 5.41
CA GLU A 274 1.46 -1.67 6.73
C GLU A 274 0.47 -1.62 7.90
N ASN A 275 -0.55 -2.49 7.90
CA ASN A 275 -1.53 -2.49 8.98
C ASN A 275 -0.84 -2.80 10.31
N PRO A 276 -0.99 -1.91 11.30
CA PRO A 276 -0.26 -2.07 12.57
C PRO A 276 -0.48 -3.41 13.22
N CYS A 277 0.59 -4.09 13.62
CA CYS A 277 0.54 -5.42 14.25
C CYS A 277 0.36 -6.54 13.25
N LEU A 278 -0.12 -6.24 12.03
CA LEU A 278 -0.44 -7.26 11.06
C LEU A 278 -0.27 -6.76 9.62
N THR A 279 0.97 -6.79 9.10
CA THR A 279 1.21 -6.37 7.72
C THR A 279 0.50 -7.34 6.76
N PHE A 280 -0.14 -6.79 5.73
CA PHE A 280 -0.82 -7.60 4.72
C PHE A 280 0.14 -7.65 3.52
N VAL A 281 0.36 -8.81 2.91
CA VAL A 281 1.24 -8.91 1.74
C VAL A 281 0.59 -9.70 0.63
N THR A 282 0.97 -9.39 -0.60
CA THR A 282 0.50 -10.13 -1.78
C THR A 282 1.20 -11.51 -1.79
N PRO A 283 0.50 -12.57 -2.22
CA PRO A 283 1.18 -13.87 -2.39
C PRO A 283 2.17 -13.87 -3.57
N THR A 284 2.15 -12.83 -4.43
CA THR A 284 3.11 -12.70 -5.54
C THR A 284 4.56 -12.49 -5.04
N LEU A 285 4.77 -12.28 -3.71
CA LEU A 285 6.10 -12.20 -3.11
C LEU A 285 6.72 -13.61 -2.92
N LEU A 286 5.91 -14.70 -3.06
CA LEU A 286 6.38 -16.05 -2.84
C LEU A 286 7.17 -16.58 -4.03
N ALA A 287 8.33 -15.96 -4.26
CA ALA A 287 9.28 -16.31 -5.32
C ALA A 287 10.05 -17.61 -5.04
N GLY A 288 10.12 -18.03 -3.77
CA GLY A 288 10.82 -19.23 -3.32
C GLY A 288 12.25 -18.98 -2.88
N ASP A 289 12.78 -17.75 -3.03
CA ASP A 289 14.18 -17.48 -2.68
C ASP A 289 14.39 -16.23 -1.82
N LYS A 290 13.31 -15.67 -1.25
CA LYS A 290 13.39 -14.45 -0.44
C LYS A 290 13.77 -13.19 -1.24
N SER A 291 13.88 -13.30 -2.59
CA SER A 291 14.33 -12.18 -3.44
C SER A 291 13.41 -10.95 -3.42
N LEU A 292 12.14 -11.10 -3.06
CA LEU A 292 11.19 -9.98 -3.04
C LEU A 292 10.91 -9.48 -1.60
N SER A 293 11.83 -9.78 -0.66
CA SER A 293 11.74 -9.39 0.76
C SER A 293 11.88 -7.91 1.04
N ASN A 294 12.29 -7.09 0.05
CA ASN A 294 12.36 -5.64 0.27
C ASN A 294 10.93 -5.09 0.61
N VAL A 295 9.87 -5.76 0.14
CA VAL A 295 8.51 -5.37 0.43
C VAL A 295 8.23 -5.52 1.92
N ILE A 296 8.78 -6.56 2.57
CA ILE A 296 8.65 -6.73 4.03
C ILE A 296 9.42 -5.62 4.73
N ALA A 297 10.66 -5.33 4.28
CA ALA A 297 11.48 -4.26 4.84
C ALA A 297 10.74 -2.90 4.72
N HIS A 298 10.00 -2.69 3.63
CA HIS A 298 9.22 -1.49 3.40
C HIS A 298 8.02 -1.44 4.36
N GLU A 299 7.28 -2.57 4.50
CA GLU A 299 6.15 -2.58 5.42
C GLU A 299 6.64 -2.41 6.86
N ILE A 300 7.78 -3.04 7.23
CA ILE A 300 8.37 -2.88 8.57
C ILE A 300 8.71 -1.39 8.81
N SER A 301 9.35 -0.74 7.85
CA SER A 301 9.73 0.67 7.93
C SER A 301 8.52 1.57 8.26
N HIS A 302 7.34 1.25 7.70
CA HIS A 302 6.12 2.01 7.98
C HIS A 302 5.71 2.02 9.44
N SER A 303 6.28 1.14 10.27
CA SER A 303 5.97 1.16 11.70
C SER A 303 6.49 2.45 12.40
N TRP A 304 7.38 3.20 11.70
CA TRP A 304 7.92 4.45 12.17
C TRP A 304 7.39 5.55 11.24
N THR A 305 7.68 5.44 9.94
CA THR A 305 7.29 6.44 8.95
C THR A 305 5.98 6.06 8.29
N GLY A 306 4.93 6.72 8.73
CA GLY A 306 3.58 6.49 8.28
C GLY A 306 2.68 6.18 9.47
N ASN A 307 3.00 5.10 10.21
CA ASN A 307 2.17 4.69 11.32
C ASN A 307 2.44 5.47 12.60
N LEU A 308 3.68 5.94 12.80
CA LEU A 308 3.99 6.78 13.98
C LEU A 308 3.91 8.24 13.55
N VAL A 309 4.67 8.63 12.52
CA VAL A 309 4.64 9.99 11.98
C VAL A 309 3.76 9.83 10.76
N THR A 310 2.56 10.41 10.74
CA THR A 310 1.62 10.23 9.64
C THR A 310 1.41 11.52 8.83
N ASN A 311 1.11 11.40 7.53
CA ASN A 311 0.78 12.58 6.72
C ASN A 311 -0.58 13.13 7.20
N LYS A 312 -0.66 14.45 7.46
CA LYS A 312 -1.87 15.12 7.97
C LYS A 312 -3.02 15.05 6.96
N THR A 313 -2.69 15.17 5.67
CA THR A 313 -3.62 15.04 4.56
C THR A 313 -2.94 14.18 3.48
N TRP A 314 -3.73 13.68 2.53
CA TRP A 314 -3.18 12.90 1.44
C TRP A 314 -2.37 13.73 0.46
N ASP A 315 -2.41 15.08 0.54
CA ASP A 315 -1.54 15.92 -0.28
C ASP A 315 -0.07 15.76 0.13
N HIS A 316 0.19 15.30 1.38
CA HIS A 316 1.53 15.11 1.93
C HIS A 316 1.92 13.65 2.05
N PHE A 317 1.29 12.77 1.25
CA PHE A 317 1.52 11.33 1.20
C PHE A 317 2.97 10.97 0.97
N TRP A 318 3.71 11.82 0.22
CA TRP A 318 5.14 11.61 -0.02
C TRP A 318 5.90 11.48 1.32
N LEU A 319 5.45 12.16 2.38
CA LEU A 319 6.09 12.04 3.70
C LEU A 319 6.08 10.59 4.19
N ASN A 320 4.96 9.90 4.00
CA ASN A 320 4.81 8.50 4.38
C ASN A 320 5.71 7.60 3.50
N GLU A 321 5.64 7.72 2.16
CA GLU A 321 6.34 6.79 1.29
C GLU A 321 7.79 7.07 1.06
N GLY A 322 8.15 8.33 0.89
CA GLY A 322 9.54 8.70 0.66
C GLY A 322 10.43 8.32 1.83
N HIS A 323 9.95 8.59 3.07
CA HIS A 323 10.74 8.25 4.25
C HIS A 323 10.81 6.73 4.46
N THR A 324 9.73 6.03 4.12
CA THR A 324 9.66 4.57 4.22
C THR A 324 10.59 3.90 3.22
N VAL A 325 10.65 4.41 1.99
CA VAL A 325 11.55 3.84 0.98
C VAL A 325 13.01 4.10 1.39
N TYR A 326 13.28 5.30 1.95
CA TYR A 326 14.58 5.67 2.46
C TYR A 326 15.04 4.67 3.55
N LEU A 327 14.15 4.36 4.49
CA LEU A 327 14.45 3.41 5.57
C LEU A 327 14.57 1.97 5.04
N GLU A 328 13.66 1.56 4.16
CA GLU A 328 13.64 0.24 3.52
C GLU A 328 15.00 -0.03 2.84
N ARG A 329 15.48 0.95 2.09
CA ARG A 329 16.74 0.80 1.35
C ARG A 329 17.94 0.74 2.29
N HIS A 330 17.86 1.39 3.46
CA HIS A 330 18.90 1.30 4.48
C HIS A 330 18.93 -0.10 5.14
N ILE A 331 17.76 -0.71 5.34
CA ILE A 331 17.65 -2.04 5.93
C ILE A 331 18.27 -3.04 4.94
N CYS A 332 17.91 -2.91 3.65
CA CYS A 332 18.48 -3.80 2.64
C CYS A 332 19.98 -3.54 2.41
N GLY A 333 20.43 -2.31 2.61
CA GLY A 333 21.83 -1.96 2.56
C GLY A 333 22.58 -2.50 3.76
N ARG A 334 21.94 -2.57 4.94
CA ARG A 334 22.56 -3.16 6.13
C ARG A 334 22.76 -4.64 5.94
N LEU A 335 21.79 -5.33 5.33
CA LEU A 335 21.89 -6.78 5.12
C LEU A 335 22.74 -7.19 3.97
N PHE A 336 22.74 -6.43 2.86
CA PHE A 336 23.46 -6.84 1.64
C PHE A 336 24.53 -5.88 1.12
N GLY A 337 24.79 -4.78 1.82
CA GLY A 337 25.85 -3.87 1.44
C GLY A 337 25.44 -2.54 0.84
N GLU A 338 26.33 -1.56 0.95
CA GLU A 338 26.08 -0.23 0.44
C GLU A 338 25.94 -0.22 -1.12
N LYS A 339 26.70 -1.10 -1.83
CA LYS A 339 26.58 -1.21 -3.30
C LYS A 339 25.15 -1.61 -3.67
N PHE A 340 24.54 -2.50 -2.89
CA PHE A 340 23.17 -2.96 -3.09
C PHE A 340 22.17 -1.84 -2.81
N ARG A 341 22.39 -1.01 -1.76
CA ARG A 341 21.50 0.12 -1.50
C ARG A 341 21.52 1.09 -2.68
N HIS A 342 22.70 1.32 -3.26
CA HIS A 342 22.84 2.18 -4.45
C HIS A 342 22.17 1.56 -5.66
N PHE A 343 22.29 0.23 -5.87
CA PHE A 343 21.62 -0.48 -6.96
C PHE A 343 20.08 -0.27 -6.86
N ASN A 344 19.53 -0.47 -5.65
CA ASN A 344 18.10 -0.29 -5.46
C ASN A 344 17.68 1.14 -5.62
N ALA A 345 18.51 2.09 -5.20
CA ALA A 345 18.18 3.52 -5.32
C ALA A 345 18.17 3.91 -6.79
N LEU A 346 19.16 3.43 -7.56
CA LEU A 346 19.24 3.74 -9.00
C LEU A 346 18.07 3.09 -9.75
N GLY A 347 17.63 1.91 -9.33
CA GLY A 347 16.45 1.26 -9.92
C GLY A 347 15.21 2.11 -9.67
N GLY A 348 15.09 2.64 -8.46
CA GLY A 348 13.99 3.52 -8.08
C GLY A 348 13.92 4.79 -8.91
N TRP A 349 15.09 5.34 -9.28
CA TRP A 349 15.15 6.50 -10.16
C TRP A 349 14.60 6.13 -11.55
N GLY A 350 14.91 4.93 -12.04
CA GLY A 350 14.40 4.42 -13.30
C GLY A 350 12.90 4.24 -13.27
N GLU A 351 12.34 3.76 -12.14
CA GLU A 351 10.89 3.64 -11.98
C GLU A 351 10.24 5.04 -11.96
N LEU A 352 10.93 6.04 -11.39
CA LEU A 352 10.48 7.42 -11.38
C LEU A 352 10.48 7.98 -12.82
N GLN A 353 11.48 7.61 -13.64
CA GLN A 353 11.53 8.02 -15.05
C GLN A 353 10.28 7.49 -15.77
N ASN A 354 9.95 6.20 -15.53
CA ASN A 354 8.80 5.54 -16.13
C ASN A 354 7.51 6.25 -15.78
N SER A 355 7.27 6.55 -14.50
CA SER A 355 6.05 7.24 -14.08
C SER A 355 5.93 8.62 -14.72
N VAL A 356 7.04 9.39 -14.75
CA VAL A 356 7.03 10.73 -15.32
C VAL A 356 6.79 10.67 -16.83
N LYS A 357 7.27 9.62 -17.50
CA LYS A 357 7.02 9.43 -18.93
C LYS A 357 5.56 9.08 -19.17
N THR A 358 5.02 8.15 -18.38
CA THR A 358 3.64 7.69 -18.45
C THR A 358 2.62 8.83 -18.26
N PHE A 359 2.79 9.64 -17.19
CA PHE A 359 1.90 10.75 -16.87
C PHE A 359 2.13 11.98 -17.76
N GLY A 360 3.38 12.22 -18.11
CA GLY A 360 3.80 13.40 -18.82
C GLY A 360 4.57 14.28 -17.83
N GLU A 361 5.60 14.98 -18.30
CA GLU A 361 6.48 15.74 -17.43
C GLU A 361 5.87 16.99 -16.81
N THR A 362 4.69 17.43 -17.29
CA THR A 362 4.00 18.57 -16.71
C THR A 362 2.73 18.15 -15.91
N HIS A 363 2.46 16.84 -15.80
CA HIS A 363 1.29 16.34 -15.11
C HIS A 363 1.31 16.67 -13.61
N PRO A 364 0.16 17.14 -13.06
CA PRO A 364 0.09 17.47 -11.63
C PRO A 364 0.42 16.33 -10.67
N PHE A 365 0.24 15.04 -11.08
CA PHE A 365 0.58 13.89 -10.21
C PHE A 365 2.09 13.58 -10.18
N THR A 366 2.90 14.26 -11.00
CA THR A 366 4.35 14.12 -10.92
C THR A 366 4.95 15.10 -9.92
N LYS A 367 4.13 15.99 -9.29
CA LYS A 367 4.58 16.88 -8.24
C LYS A 367 4.75 16.05 -6.96
N LEU A 368 5.67 16.43 -6.08
CA LEU A 368 5.88 15.75 -4.82
C LEU A 368 4.70 15.99 -3.89
N VAL A 369 4.35 17.26 -3.67
CA VAL A 369 3.21 17.66 -2.86
C VAL A 369 2.10 17.89 -3.87
N VAL A 370 1.02 17.12 -3.76
CA VAL A 370 -0.09 17.17 -4.70
C VAL A 370 -1.31 17.91 -4.17
N ASP A 371 -2.30 18.19 -5.05
CA ASP A 371 -3.54 18.82 -4.63
C ASP A 371 -4.63 17.84 -5.02
N LEU A 372 -5.18 17.11 -4.05
CA LEU A 372 -6.21 16.11 -4.35
C LEU A 372 -7.64 16.63 -4.27
N THR A 373 -7.86 17.95 -4.46
CA THR A 373 -9.22 18.53 -4.50
C THR A 373 -9.90 17.94 -5.73
N ASP A 374 -11.02 17.26 -5.51
CA ASP A 374 -11.81 16.62 -6.56
C ASP A 374 -11.07 15.51 -7.31
N ILE A 375 -10.03 14.92 -6.70
CA ILE A 375 -9.30 13.81 -7.28
C ILE A 375 -9.47 12.61 -6.38
N ASP A 376 -9.86 11.46 -6.94
CA ASP A 376 -9.94 10.20 -6.20
C ASP A 376 -8.49 9.79 -5.91
N PRO A 377 -8.08 9.68 -4.63
CA PRO A 377 -6.70 9.25 -4.34
C PRO A 377 -6.27 7.96 -5.05
N ASP A 378 -7.20 7.03 -5.30
CA ASP A 378 -6.89 5.78 -5.99
C ASP A 378 -6.39 5.99 -7.42
N VAL A 379 -6.97 6.97 -8.13
CA VAL A 379 -6.60 7.36 -9.49
C VAL A 379 -5.21 8.03 -9.53
N ALA A 380 -4.88 8.77 -8.46
CA ALA A 380 -3.62 9.50 -8.28
C ALA A 380 -2.46 8.58 -7.93
N TYR A 381 -2.74 7.43 -7.30
CA TYR A 381 -1.70 6.51 -6.87
C TYR A 381 -0.69 6.12 -7.98
N SER A 382 0.61 6.21 -7.65
CA SER A 382 1.74 5.92 -8.55
C SER A 382 3.04 5.83 -7.71
N SER A 383 4.16 5.63 -8.40
CA SER A 383 5.49 5.56 -7.82
C SER A 383 6.09 6.92 -7.49
N VAL A 384 5.48 8.02 -7.97
CA VAL A 384 6.03 9.35 -7.74
C VAL A 384 6.26 9.67 -6.24
N PRO A 385 5.27 9.60 -5.33
CA PRO A 385 5.55 9.92 -3.92
C PRO A 385 6.65 9.03 -3.31
N TYR A 386 6.71 7.75 -3.77
CA TYR A 386 7.72 6.80 -3.33
C TYR A 386 9.11 7.22 -3.78
N GLU A 387 9.30 7.35 -5.10
CA GLU A 387 10.59 7.56 -5.71
C GLU A 387 11.05 8.98 -5.79
N LYS A 388 10.16 9.93 -6.10
CA LYS A 388 10.57 11.34 -6.06
C LYS A 388 10.84 11.74 -4.58
N GLY A 389 10.06 11.16 -3.65
CA GLY A 389 10.25 11.38 -2.22
C GLY A 389 11.56 10.79 -1.78
N PHE A 390 11.86 9.55 -2.23
CA PHE A 390 13.15 8.92 -1.92
C PHE A 390 14.29 9.74 -2.51
N ALA A 391 14.20 10.14 -3.80
CA ALA A 391 15.27 10.89 -4.46
C ALA A 391 15.58 12.19 -3.73
N LEU A 392 14.56 12.84 -3.17
CA LEU A 392 14.74 14.04 -2.37
C LEU A 392 15.56 13.75 -1.14
N LEU A 393 15.21 12.69 -0.40
CA LEU A 393 15.93 12.35 0.81
C LEU A 393 17.36 11.87 0.53
N PHE A 394 17.53 11.12 -0.57
CA PHE A 394 18.84 10.64 -0.98
C PHE A 394 19.73 11.81 -1.44
N TYR A 395 19.13 12.83 -2.09
CA TYR A 395 19.88 14.02 -2.51
C TYR A 395 20.30 14.81 -1.27
N LEU A 396 19.40 14.95 -0.27
CA LEU A 396 19.69 15.65 0.99
C LEU A 396 20.75 14.90 1.79
N GLU A 397 20.75 13.55 1.76
CA GLU A 397 21.75 12.75 2.46
C GLU A 397 23.16 13.08 1.92
N GLN A 398 23.29 13.14 0.60
CA GLN A 398 24.56 13.45 -0.04
C GLN A 398 25.00 14.87 0.18
N LEU A 399 24.05 15.78 0.19
CA LEU A 399 24.30 17.19 0.39
C LEU A 399 24.74 17.49 1.83
N LEU A 400 24.12 16.80 2.79
CA LEU A 400 24.33 17.05 4.22
C LEU A 400 25.42 16.21 4.92
N GLY A 401 26.17 15.39 4.20
CA GLY A 401 27.30 14.67 4.80
C GLY A 401 27.27 13.15 4.88
N GLY A 402 26.33 12.51 4.19
CA GLY A 402 26.29 11.06 4.15
C GLY A 402 25.18 10.36 4.92
N PRO A 403 25.08 9.03 4.70
CA PRO A 403 24.01 8.26 5.35
C PRO A 403 23.99 8.31 6.87
N GLU A 404 25.13 8.22 7.54
CA GLU A 404 25.17 8.24 9.00
C GLU A 404 24.59 9.55 9.58
N ILE A 405 24.83 10.69 8.92
CA ILE A 405 24.32 11.98 9.35
C ILE A 405 22.80 12.09 9.10
N PHE A 406 22.35 11.70 7.89
CA PHE A 406 20.94 11.75 7.54
C PHE A 406 20.10 10.74 8.35
N LEU A 407 20.70 9.59 8.73
CA LEU A 407 20.02 8.62 9.59
C LEU A 407 19.79 9.20 11.00
N GLY A 408 20.70 10.06 11.46
CA GLY A 408 20.54 10.76 12.73
C GLY A 408 19.36 11.71 12.66
N PHE A 409 19.18 12.38 11.51
CA PHE A 409 18.04 13.25 11.31
C PHE A 409 16.76 12.43 11.32
N LEU A 410 16.76 11.31 10.58
CA LEU A 410 15.61 10.44 10.44
C LEU A 410 15.08 9.96 11.79
N LYS A 411 15.97 9.49 12.68
CA LYS A 411 15.57 9.02 13.99
C LYS A 411 15.02 10.15 14.84
N ALA A 412 15.62 11.34 14.75
CA ALA A 412 15.15 12.49 15.52
C ALA A 412 13.80 13.00 14.99
N TYR A 413 13.56 12.87 13.67
CA TYR A 413 12.33 13.24 13.00
C TYR A 413 11.21 12.33 13.49
N VAL A 414 11.47 11.03 13.54
CA VAL A 414 10.49 10.06 14.04
C VAL A 414 10.14 10.33 15.50
N GLU A 415 11.16 10.57 16.36
CA GLU A 415 10.91 10.84 17.77
C GLU A 415 10.11 12.11 17.94
N LYS A 416 10.49 13.16 17.21
CA LYS A 416 9.84 14.44 17.27
C LYS A 416 8.34 14.38 16.95
N PHE A 417 7.99 13.63 15.89
CA PHE A 417 6.61 13.61 15.43
C PHE A 417 5.86 12.31 15.69
N SER A 418 6.37 11.43 16.57
CA SER A 418 5.66 10.17 16.89
C SER A 418 4.24 10.47 17.42
N TYR A 419 3.24 9.72 16.95
CA TYR A 419 1.82 9.87 17.34
C TYR A 419 1.18 11.15 16.77
N LYS A 420 1.87 11.84 15.85
CA LYS A 420 1.32 13.05 15.25
C LYS A 420 1.08 12.89 13.76
N SER A 421 0.29 13.83 13.19
CA SER A 421 0.00 13.92 11.76
C SER A 421 0.58 15.27 11.31
N ILE A 422 1.48 15.26 10.32
CA ILE A 422 2.21 16.43 9.92
C ILE A 422 2.13 16.78 8.42
N THR A 423 2.51 18.02 8.08
CA THR A 423 2.55 18.47 6.68
C THR A 423 4.03 18.57 6.20
N THR A 424 4.23 18.92 4.89
CA THR A 424 5.56 19.13 4.34
C THR A 424 6.27 20.28 5.04
N ASP A 425 5.53 21.34 5.41
CA ASP A 425 6.10 22.47 6.16
C ASP A 425 6.62 22.07 7.53
N ASP A 426 5.93 21.17 8.25
CA ASP A 426 6.40 20.67 9.55
C ASP A 426 7.72 19.91 9.33
N TRP A 427 7.78 19.04 8.32
CA TRP A 427 9.00 18.28 8.01
C TRP A 427 10.15 19.24 7.66
N LYS A 428 9.90 20.21 6.77
CA LYS A 428 10.90 21.15 6.30
C LYS A 428 11.44 22.03 7.42
N ASP A 429 10.54 22.44 8.32
CA ASP A 429 10.93 23.25 9.47
C ASP A 429 11.85 22.43 10.39
N PHE A 430 11.48 21.16 10.69
CA PHE A 430 12.32 20.32 11.53
C PHE A 430 13.65 20.03 10.86
N LEU A 431 13.67 19.82 9.53
CA LEU A 431 14.93 19.56 8.82
C LEU A 431 15.89 20.77 8.97
N TYR A 432 15.36 22.00 8.83
CA TYR A 432 16.13 23.24 9.00
C TYR A 432 16.58 23.43 10.46
N SER A 433 15.75 23.02 11.42
CA SER A 433 16.08 23.10 12.83
C SER A 433 17.18 22.09 13.18
N TYR A 434 17.03 20.82 12.78
CA TYR A 434 18.01 19.78 13.03
C TYR A 434 19.34 20.12 12.38
N PHE A 435 19.28 20.63 11.14
CA PHE A 435 20.46 20.96 10.36
C PHE A 435 20.77 22.44 10.40
N LYS A 436 20.53 23.11 11.54
CA LYS A 436 20.79 24.53 11.72
C LYS A 436 22.21 24.96 11.33
N ASP A 437 23.22 24.12 11.57
CA ASP A 437 24.61 24.45 11.19
C ASP A 437 24.92 24.24 9.70
N LYS A 438 23.94 23.76 8.92
CA LYS A 438 24.03 23.48 7.49
C LYS A 438 22.89 24.18 6.70
N VAL A 439 22.33 25.29 7.24
CA VAL A 439 21.25 26.04 6.61
C VAL A 439 21.71 26.67 5.29
N ASP A 440 23.00 27.05 5.19
CA ASP A 440 23.53 27.60 3.95
C ASP A 440 23.48 26.54 2.83
N VAL A 441 23.72 25.26 3.18
CA VAL A 441 23.68 24.13 2.27
C VAL A 441 22.22 23.84 1.88
N LEU A 442 21.31 23.83 2.86
CA LEU A 442 19.88 23.61 2.66
C LEU A 442 19.25 24.70 1.78
N ASN A 443 19.71 25.95 1.93
CA ASN A 443 19.21 27.07 1.11
C ASN A 443 19.64 26.98 -0.36
N GLN A 444 20.56 26.08 -0.71
CA GLN A 444 20.93 25.84 -2.10
C GLN A 444 19.92 24.89 -2.79
N VAL A 445 19.09 24.17 -2.01
CA VAL A 445 18.09 23.28 -2.56
C VAL A 445 16.99 24.10 -3.23
N ASP A 446 16.59 23.69 -4.44
CA ASP A 446 15.49 24.35 -5.13
C ASP A 446 14.20 23.72 -4.57
N TRP A 447 13.74 24.20 -3.41
CA TRP A 447 12.57 23.65 -2.75
C TRP A 447 11.31 23.73 -3.57
N ASN A 448 11.10 24.85 -4.27
CA ASN A 448 9.91 25.05 -5.09
C ASN A 448 9.82 24.01 -6.19
N ALA A 449 10.96 23.71 -6.83
CA ALA A 449 11.00 22.70 -7.86
C ALA A 449 10.86 21.30 -7.25
N TRP A 450 11.63 20.97 -6.21
CA TRP A 450 11.59 19.65 -5.57
C TRP A 450 10.19 19.27 -5.03
N LEU A 451 9.54 20.19 -4.33
CA LEU A 451 8.23 19.92 -3.72
C LEU A 451 7.01 20.23 -4.57
N TYR A 452 7.05 21.31 -5.38
CA TYR A 452 5.84 21.76 -6.09
C TYR A 452 5.87 21.72 -7.62
N SER A 453 7.00 21.39 -8.23
CA SER A 453 7.08 21.36 -9.68
C SER A 453 6.90 19.96 -10.23
N PRO A 454 6.20 19.83 -11.36
CA PRO A 454 6.08 18.51 -11.99
C PRO A 454 7.37 18.04 -12.70
N GLY A 455 7.36 16.79 -13.12
CA GLY A 455 8.44 16.19 -13.87
C GLY A 455 9.54 15.57 -13.03
N LEU A 456 10.67 15.25 -13.68
CA LEU A 456 11.81 14.70 -12.96
C LEU A 456 12.39 15.80 -12.07
N PRO A 457 12.99 15.46 -10.92
CA PRO A 457 13.56 16.50 -10.05
C PRO A 457 14.66 17.31 -10.74
N PRO A 458 14.96 18.53 -10.24
CA PRO A 458 16.01 19.33 -10.89
C PRO A 458 17.41 18.76 -10.77
N ILE A 459 17.68 17.91 -9.77
CA ILE A 459 19.00 17.31 -9.57
C ILE A 459 18.85 15.80 -9.44
N LYS A 460 19.75 15.03 -10.05
CA LYS A 460 19.77 13.60 -9.90
C LYS A 460 20.92 13.29 -8.94
N PRO A 461 20.65 12.55 -7.87
CA PRO A 461 21.73 12.19 -6.93
C PRO A 461 22.88 11.37 -7.58
N ASN A 462 23.96 11.12 -6.84
CA ASN A 462 25.10 10.35 -7.33
C ASN A 462 24.93 8.88 -6.92
N TYR A 463 24.89 7.97 -7.88
CA TYR A 463 24.71 6.56 -7.57
C TYR A 463 25.91 5.72 -7.91
N ASP A 464 26.24 4.76 -7.05
CA ASP A 464 27.28 3.78 -7.33
C ASP A 464 26.70 2.86 -8.42
N MET A 465 27.49 2.57 -9.45
CA MET A 465 27.04 1.80 -10.61
C MET A 465 27.46 0.36 -10.62
N THR A 466 28.32 -0.08 -9.69
CA THR A 466 28.89 -1.45 -9.68
C THR A 466 27.91 -2.57 -10.07
N LEU A 467 26.77 -2.70 -9.38
CA LEU A 467 25.83 -3.77 -9.68
C LEU A 467 24.97 -3.50 -10.90
N THR A 468 24.82 -2.25 -11.29
CA THR A 468 23.99 -1.89 -12.42
C THR A 468 24.72 -2.06 -13.76
N ASN A 469 26.05 -1.86 -13.80
CA ASN A 469 26.82 -1.92 -15.05
C ASN A 469 26.54 -3.15 -15.92
N ALA A 470 26.52 -4.35 -15.34
CA ALA A 470 26.28 -5.57 -16.12
C ALA A 470 24.87 -5.62 -16.71
N CYS A 471 23.89 -5.00 -16.03
CA CYS A 471 22.52 -4.97 -16.52
C CYS A 471 22.44 -4.03 -17.71
N ILE A 472 23.07 -2.85 -17.60
CA ILE A 472 23.08 -1.87 -18.69
C ILE A 472 23.83 -2.44 -19.87
N ALA A 473 24.96 -3.12 -19.62
CA ALA A 473 25.76 -3.65 -20.70
C ALA A 473 25.01 -4.73 -21.47
N LEU A 474 24.35 -5.67 -20.77
CA LEU A 474 23.61 -6.73 -21.48
C LEU A 474 22.40 -6.13 -22.22
N SER A 475 21.73 -5.15 -21.61
CA SER A 475 20.60 -4.48 -22.22
C SER A 475 21.01 -3.78 -23.51
N GLN A 476 22.14 -3.08 -23.47
CA GLN A 476 22.66 -2.38 -24.63
C GLN A 476 23.15 -3.32 -25.71
N ARG A 477 23.63 -4.53 -25.34
CA ARG A 477 24.02 -5.53 -26.30
C ARG A 477 22.79 -5.97 -27.11
N TRP A 478 21.65 -6.19 -26.42
CA TRP A 478 20.41 -6.62 -27.07
C TRP A 478 19.79 -5.51 -27.91
N ILE A 479 19.77 -4.28 -27.41
CA ILE A 479 19.20 -3.15 -28.14
C ILE A 479 19.98 -2.84 -29.43
N THR A 480 21.32 -2.83 -29.37
CA THR A 480 22.14 -2.57 -30.56
C THR A 480 22.40 -3.79 -31.44
N ALA A 481 21.92 -4.98 -31.07
CA ALA A 481 22.14 -6.16 -31.90
C ALA A 481 21.29 -6.09 -33.15
N LYS A 482 21.84 -6.62 -34.24
CA LYS A 482 21.15 -6.82 -35.49
C LYS A 482 20.90 -8.33 -35.60
N GLU A 483 20.15 -8.77 -36.64
CA GLU A 483 19.85 -10.18 -36.81
C GLU A 483 21.11 -11.09 -36.76
N ASP A 484 22.22 -10.65 -37.37
CA ASP A 484 23.43 -11.47 -37.38
C ASP A 484 24.22 -11.49 -36.07
N ASP A 485 23.77 -10.76 -35.06
CA ASP A 485 24.38 -10.76 -33.73
C ASP A 485 23.61 -11.65 -32.74
N LEU A 486 22.37 -12.08 -33.08
CA LEU A 486 21.49 -12.86 -32.21
C LEU A 486 22.09 -14.20 -31.77
N ASN A 487 22.90 -14.83 -32.62
CA ASN A 487 23.53 -16.10 -32.29
C ASN A 487 24.68 -15.97 -31.28
N SER A 488 25.16 -14.76 -30.99
CA SER A 488 26.20 -14.56 -29.97
C SER A 488 25.60 -14.70 -28.56
N PHE A 489 24.29 -14.47 -28.40
CA PHE A 489 23.66 -14.57 -27.08
C PHE A 489 23.51 -16.03 -26.66
N ASN A 490 23.69 -16.27 -25.36
CA ASN A 490 23.70 -17.61 -24.78
C ASN A 490 23.33 -17.55 -23.30
N ALA A 491 22.84 -18.66 -22.74
CA ALA A 491 22.47 -18.71 -21.33
C ALA A 491 23.59 -18.24 -20.39
N THR A 492 24.87 -18.36 -20.82
CA THR A 492 26.01 -17.92 -20.02
C THR A 492 26.04 -16.41 -19.79
N ASP A 493 25.34 -15.62 -20.62
CA ASP A 493 25.25 -14.16 -20.39
C ASP A 493 24.68 -13.84 -19.00
N LEU A 494 23.79 -14.70 -18.48
CA LEU A 494 23.14 -14.45 -17.19
C LEU A 494 23.78 -15.16 -16.00
N LYS A 495 24.91 -15.86 -16.20
CA LYS A 495 25.48 -16.70 -15.13
C LYS A 495 25.94 -15.92 -13.90
N ASP A 496 26.42 -14.68 -14.06
CA ASP A 496 26.86 -13.90 -12.91
C ASP A 496 25.81 -12.84 -12.49
N LEU A 497 24.54 -13.05 -12.86
CA LEU A 497 23.50 -12.09 -12.52
C LEU A 497 22.57 -12.62 -11.45
N SER A 498 22.34 -11.82 -10.42
CA SER A 498 21.38 -12.17 -9.39
C SER A 498 19.97 -11.97 -9.98
N SER A 499 18.92 -12.40 -9.25
CA SER A 499 17.53 -12.19 -9.73
C SER A 499 17.24 -10.71 -9.85
N HIS A 500 17.80 -9.88 -8.92
CA HIS A 500 17.67 -8.44 -8.91
C HIS A 500 18.31 -7.87 -10.18
N GLN A 501 19.49 -8.36 -10.55
CA GLN A 501 20.17 -7.89 -11.75
C GLN A 501 19.44 -8.30 -13.03
N LEU A 502 18.82 -9.48 -13.05
CA LEU A 502 18.01 -9.95 -14.19
C LEU A 502 16.79 -9.05 -14.31
N ASN A 503 16.17 -8.69 -13.19
CA ASN A 503 15.02 -7.79 -13.18
C ASN A 503 15.44 -6.42 -13.72
N GLU A 504 16.63 -5.92 -13.33
CA GLU A 504 17.11 -4.62 -13.78
C GLU A 504 17.48 -4.64 -15.27
N PHE A 505 17.99 -5.77 -15.77
CA PHE A 505 18.28 -5.98 -17.18
C PHE A 505 16.95 -5.84 -17.99
N LEU A 506 15.89 -6.53 -17.54
CA LEU A 506 14.59 -6.45 -18.19
C LEU A 506 14.00 -5.07 -18.08
N ALA A 507 14.17 -4.38 -16.91
CA ALA A 507 13.65 -3.02 -16.74
C ALA A 507 14.33 -2.05 -17.70
N GLN A 508 15.65 -2.16 -17.86
CA GLN A 508 16.43 -1.32 -18.77
C GLN A 508 15.96 -1.57 -20.22
N THR A 509 15.70 -2.83 -20.57
CA THR A 509 15.31 -3.20 -21.94
C THR A 509 13.89 -2.73 -22.23
N LEU A 510 12.99 -2.90 -21.26
CA LEU A 510 11.60 -2.49 -21.35
C LEU A 510 11.47 -0.95 -21.53
N GLN A 511 12.42 -0.16 -20.99
CA GLN A 511 12.42 1.29 -21.21
C GLN A 511 12.62 1.64 -22.70
N ARG A 512 13.27 0.76 -23.47
CA ARG A 512 13.47 0.99 -24.91
C ARG A 512 12.56 0.12 -25.79
N ALA A 513 11.52 -0.51 -25.21
CA ALA A 513 10.60 -1.35 -25.97
C ALA A 513 9.75 -0.50 -26.92
N PRO A 514 9.33 -1.06 -28.06
CA PRO A 514 9.56 -2.46 -28.51
C PRO A 514 10.94 -2.72 -29.07
N LEU A 515 11.34 -3.97 -28.96
CA LEU A 515 12.54 -4.48 -29.63
C LEU A 515 11.99 -5.32 -30.81
N PRO A 516 12.79 -5.65 -31.83
CA PRO A 516 12.28 -6.50 -32.92
C PRO A 516 11.79 -7.85 -32.38
N LEU A 517 10.73 -8.40 -32.98
CA LEU A 517 10.15 -9.68 -32.58
C LEU A 517 11.20 -10.80 -32.56
N GLY A 518 12.10 -10.81 -33.52
CA GLY A 518 13.17 -11.81 -33.58
C GLY A 518 14.10 -11.75 -32.39
N HIS A 519 14.37 -10.54 -31.86
CA HIS A 519 15.21 -10.40 -30.67
C HIS A 519 14.50 -11.03 -29.49
N ILE A 520 13.21 -10.72 -29.32
CA ILE A 520 12.41 -11.26 -28.22
C ILE A 520 12.34 -12.78 -28.27
N LYS A 521 12.10 -13.36 -29.47
CA LYS A 521 12.07 -14.81 -29.63
C LYS A 521 13.43 -15.41 -29.27
N ARG A 522 14.53 -14.78 -29.70
CA ARG A 522 15.88 -15.26 -29.37
C ARG A 522 16.12 -15.24 -27.86
N MET A 523 15.63 -14.20 -27.17
CA MET A 523 15.75 -14.08 -25.71
C MET A 523 15.06 -15.26 -25.02
N GLN A 524 13.87 -15.67 -25.50
CA GLN A 524 13.19 -16.83 -24.92
C GLN A 524 14.00 -18.10 -25.24
N GLU A 525 14.52 -18.23 -26.48
CA GLU A 525 15.34 -19.37 -26.91
C GLU A 525 16.55 -19.60 -25.96
N VAL A 526 17.28 -18.53 -25.61
CA VAL A 526 18.52 -18.70 -24.85
C VAL A 526 18.39 -18.48 -23.35
N TYR A 527 17.48 -17.61 -22.93
CA TYR A 527 17.36 -17.34 -21.50
C TYR A 527 16.18 -18.06 -20.84
N ASN A 528 15.21 -18.59 -21.63
CA ASN A 528 14.01 -19.29 -21.13
C ASN A 528 13.32 -18.48 -20.03
N PHE A 529 13.08 -17.19 -20.31
CA PHE A 529 12.41 -16.33 -19.32
C PHE A 529 10.97 -16.78 -19.04
N ASN A 530 10.35 -17.56 -19.96
CA ASN A 530 8.99 -18.09 -19.78
C ASN A 530 8.90 -19.05 -18.57
N ALA A 531 10.02 -19.66 -18.16
CA ALA A 531 10.04 -20.59 -17.02
C ALA A 531 10.19 -19.90 -15.66
N ILE A 532 10.42 -18.58 -15.62
CA ILE A 532 10.66 -17.89 -14.36
C ILE A 532 9.34 -17.58 -13.65
N ASN A 533 9.21 -18.03 -12.41
CA ASN A 533 8.00 -17.79 -11.63
C ASN A 533 8.04 -16.48 -10.84
N ASN A 534 9.24 -15.90 -10.61
CA ASN A 534 9.43 -14.63 -9.90
C ASN A 534 8.53 -13.55 -10.54
N SER A 535 7.52 -13.06 -9.79
CA SER A 535 6.50 -12.14 -10.29
C SER A 535 7.06 -10.85 -10.89
N GLU A 536 8.12 -10.26 -10.32
CA GLU A 536 8.71 -9.03 -10.87
C GLU A 536 9.36 -9.26 -12.22
N ILE A 537 10.15 -10.33 -12.34
CA ILE A 537 10.81 -10.66 -13.58
C ILE A 537 9.78 -11.09 -14.65
N ARG A 538 8.78 -11.90 -14.26
CA ARG A 538 7.77 -12.40 -15.19
C ARG A 538 6.91 -11.26 -15.73
N PHE A 539 6.54 -10.32 -14.86
CA PHE A 539 5.80 -9.14 -15.27
C PHE A 539 6.55 -8.34 -16.36
N ARG A 540 7.84 -8.03 -16.12
CA ARG A 540 8.60 -7.22 -17.06
C ARG A 540 8.87 -7.95 -18.36
N TRP A 541 9.13 -9.25 -18.29
CA TRP A 541 9.36 -10.05 -19.47
C TRP A 541 8.09 -10.13 -20.30
N LEU A 542 6.93 -10.32 -19.66
CA LEU A 542 5.67 -10.38 -20.39
C LEU A 542 5.31 -9.03 -21.01
N ARG A 543 5.60 -7.92 -20.32
CA ARG A 543 5.38 -6.58 -20.86
C ARG A 543 6.29 -6.39 -22.10
N LEU A 544 7.53 -6.83 -22.00
CA LEU A 544 8.51 -6.74 -23.08
C LEU A 544 8.01 -7.52 -24.30
N CYS A 545 7.44 -8.72 -24.08
CA CYS A 545 6.91 -9.55 -25.16
C CYS A 545 5.71 -8.96 -25.85
N ILE A 546 4.74 -8.46 -25.05
CA ILE A 546 3.52 -7.86 -25.58
C ILE A 546 3.84 -6.57 -26.31
N GLN A 547 4.65 -5.70 -25.69
CA GLN A 547 5.04 -4.46 -26.37
C GLN A 547 5.85 -4.73 -27.65
N SER A 548 6.55 -5.88 -27.74
CA SER A 548 7.27 -6.24 -28.96
C SER A 548 6.46 -7.12 -29.95
N LYS A 549 5.13 -7.22 -29.70
CA LYS A 549 4.12 -7.85 -30.54
C LYS A 549 4.29 -9.35 -30.74
N TRP A 550 4.61 -10.06 -29.67
CA TRP A 550 4.70 -11.51 -29.75
C TRP A 550 3.36 -12.11 -29.33
N GLU A 551 2.58 -12.58 -30.32
CA GLU A 551 1.27 -13.19 -30.10
C GLU A 551 1.32 -14.36 -29.13
N ASP A 552 2.44 -15.12 -29.12
CA ASP A 552 2.59 -16.25 -28.22
C ASP A 552 2.48 -15.83 -26.75
N ALA A 553 2.89 -14.60 -26.43
CA ALA A 553 2.84 -14.09 -25.07
C ALA A 553 1.43 -13.68 -24.61
N ILE A 554 0.48 -13.50 -25.55
CA ILE A 554 -0.90 -13.10 -25.19
C ILE A 554 -1.53 -14.00 -24.10
N PRO A 555 -1.59 -15.37 -24.24
CA PRO A 555 -2.18 -16.18 -23.15
C PRO A 555 -1.41 -16.07 -21.84
N LEU A 556 -0.07 -15.95 -21.91
CA LEU A 556 0.72 -15.81 -20.68
C LEU A 556 0.41 -14.51 -19.95
N ALA A 557 0.30 -13.38 -20.71
CA ALA A 557 0.03 -12.09 -20.11
C ALA A 557 -1.41 -12.03 -19.59
N LEU A 558 -2.39 -12.65 -20.30
CA LEU A 558 -3.80 -12.67 -19.85
C LEU A 558 -3.91 -13.44 -18.54
N LYS A 559 -3.24 -14.62 -18.46
CA LYS A 559 -3.22 -15.46 -17.27
C LYS A 559 -2.60 -14.70 -16.13
N MET A 560 -1.42 -14.07 -16.31
CA MET A 560 -0.82 -13.35 -15.19
C MET A 560 -1.69 -12.20 -14.68
N ALA A 561 -2.34 -11.47 -15.60
CA ALA A 561 -3.19 -10.33 -15.23
C ALA A 561 -4.42 -10.74 -14.45
N THR A 562 -4.93 -11.96 -14.65
CA THR A 562 -6.15 -12.43 -13.98
C THR A 562 -5.94 -13.43 -12.84
N GLU A 563 -4.89 -14.27 -12.87
CA GLU A 563 -4.62 -15.25 -11.79
C GLU A 563 -4.14 -14.56 -10.50
N GLN A 564 -3.66 -13.34 -10.60
CA GLN A 564 -3.33 -12.49 -9.45
C GLN A 564 -3.96 -11.10 -9.72
N GLY A 565 -3.99 -10.23 -8.73
CA GLY A 565 -4.59 -8.91 -8.88
C GLY A 565 -3.80 -7.78 -8.26
N ARG A 566 -2.49 -7.95 -8.09
CA ARG A 566 -1.65 -6.86 -7.56
C ARG A 566 -1.59 -5.83 -8.69
N MET A 567 -2.16 -4.64 -8.45
CA MET A 567 -2.34 -3.59 -9.44
C MET A 567 -1.07 -3.19 -10.14
N LYS A 568 0.07 -3.29 -9.46
CA LYS A 568 1.39 -3.03 -10.03
C LYS A 568 1.61 -3.91 -11.28
N PHE A 569 1.08 -5.16 -11.26
CA PHE A 569 1.20 -6.07 -12.38
C PHE A 569 -0.02 -6.10 -13.30
N THR A 570 -1.22 -6.27 -12.73
CA THR A 570 -2.47 -6.36 -13.49
C THR A 570 -2.78 -5.13 -14.37
N ARG A 571 -2.63 -3.92 -13.83
CA ARG A 571 -2.92 -2.70 -14.59
C ARG A 571 -2.03 -2.54 -15.85
N PRO A 572 -0.68 -2.56 -15.74
CA PRO A 572 0.14 -2.43 -16.95
C PRO A 572 -0.01 -3.62 -17.89
N LEU A 573 -0.30 -4.84 -17.37
CA LEU A 573 -0.49 -6.00 -18.25
C LEU A 573 -1.76 -5.82 -19.09
N PHE A 574 -2.88 -5.40 -18.47
CA PHE A 574 -4.11 -5.16 -19.22
C PHE A 574 -3.92 -4.00 -20.20
N LYS A 575 -3.20 -2.95 -19.80
CA LYS A 575 -2.98 -1.79 -20.68
C LYS A 575 -2.13 -2.20 -21.90
N ASP A 576 -1.09 -3.01 -21.68
CA ASP A 576 -0.24 -3.49 -22.78
C ASP A 576 -1.06 -4.37 -23.72
N LEU A 577 -1.88 -5.27 -23.16
CA LEU A 577 -2.76 -6.15 -23.94
C LEU A 577 -3.80 -5.35 -24.75
N ALA A 578 -4.30 -4.25 -24.19
CA ALA A 578 -5.25 -3.38 -24.89
C ALA A 578 -4.54 -2.60 -26.01
N ALA A 579 -3.28 -2.19 -25.79
CA ALA A 579 -2.54 -1.43 -26.82
C ALA A 579 -1.99 -2.31 -27.96
N PHE A 580 -1.99 -3.64 -27.79
CA PHE A 580 -1.56 -4.58 -28.84
C PHE A 580 -2.86 -4.98 -29.59
N ASP A 581 -2.94 -4.67 -30.90
CA ASP A 581 -4.11 -4.94 -31.72
C ASP A 581 -4.59 -6.38 -31.69
N LYS A 582 -3.65 -7.35 -31.70
CA LYS A 582 -3.94 -8.78 -31.69
C LYS A 582 -4.63 -9.23 -30.42
N SER A 583 -4.34 -8.58 -29.29
CA SER A 583 -4.95 -8.97 -28.01
C SER A 583 -6.00 -8.00 -27.49
N HIS A 584 -6.18 -6.83 -28.15
CA HIS A 584 -7.10 -5.79 -27.67
C HIS A 584 -8.47 -6.33 -27.25
N ASP A 585 -9.17 -7.04 -28.15
CA ASP A 585 -10.50 -7.58 -27.87
C ASP A 585 -10.49 -8.60 -26.74
N GLN A 586 -9.45 -9.44 -26.68
CA GLN A 586 -9.32 -10.44 -25.62
C GLN A 586 -9.15 -9.77 -24.27
N ALA A 587 -8.36 -8.69 -24.22
CA ALA A 587 -8.12 -7.95 -22.98
C ALA A 587 -9.43 -7.34 -22.47
N VAL A 588 -10.22 -6.72 -23.36
CA VAL A 588 -11.49 -6.14 -22.99
C VAL A 588 -12.49 -7.21 -22.54
N ARG A 589 -12.59 -8.32 -23.29
CA ARG A 589 -13.48 -9.42 -22.94
C ARG A 589 -13.10 -10.08 -21.61
N THR A 590 -11.81 -10.25 -21.36
CA THR A 590 -11.31 -10.88 -20.15
C THR A 590 -11.62 -10.00 -18.95
N TYR A 591 -11.44 -8.67 -19.10
CA TYR A 591 -11.78 -7.75 -18.02
C TYR A 591 -13.30 -7.86 -17.71
N GLN A 592 -14.16 -7.83 -18.75
CA GLN A 592 -15.60 -7.92 -18.59
C GLN A 592 -16.05 -9.20 -17.87
N GLU A 593 -15.45 -10.35 -18.20
CA GLU A 593 -15.83 -11.61 -17.56
C GLU A 593 -15.25 -11.79 -16.14
N HIS A 594 -14.19 -11.05 -15.78
CA HIS A 594 -13.57 -11.15 -14.45
C HIS A 594 -13.97 -10.03 -13.49
N LYS A 595 -14.50 -8.91 -14.02
CA LYS A 595 -14.89 -7.69 -13.31
C LYS A 595 -15.65 -7.92 -12.01
N ALA A 596 -16.71 -8.73 -12.04
CA ALA A 596 -17.54 -9.02 -10.88
C ALA A 596 -16.75 -9.70 -9.76
N SER A 597 -15.80 -10.56 -10.13
CA SER A 597 -14.95 -11.29 -9.19
C SER A 597 -13.67 -10.56 -8.78
N MET A 598 -13.46 -9.34 -9.27
CA MET A 598 -12.25 -8.58 -8.97
C MET A 598 -12.46 -7.74 -7.72
N HIS A 599 -11.33 -7.27 -7.13
CA HIS A 599 -11.35 -6.33 -6.02
C HIS A 599 -11.97 -5.02 -6.57
N PRO A 600 -12.89 -4.37 -5.83
CA PRO A 600 -13.60 -3.20 -6.39
C PRO A 600 -12.72 -2.06 -6.88
N VAL A 601 -11.62 -1.76 -6.19
CA VAL A 601 -10.74 -0.67 -6.60
C VAL A 601 -9.99 -1.06 -7.85
N THR A 602 -9.48 -2.29 -7.91
CA THR A 602 -8.78 -2.81 -9.09
C THR A 602 -9.71 -2.84 -10.31
N ALA A 603 -10.98 -3.26 -10.13
CA ALA A 603 -11.95 -3.31 -11.21
C ALA A 603 -12.20 -1.91 -11.75
N MET A 604 -12.28 -0.92 -10.86
CA MET A 604 -12.51 0.45 -11.26
C MET A 604 -11.33 0.97 -12.08
N LEU A 605 -10.10 0.78 -11.58
CA LEU A 605 -8.91 1.30 -12.24
C LEU A 605 -8.61 0.61 -13.57
N VAL A 606 -8.81 -0.72 -13.65
CA VAL A 606 -8.60 -1.42 -14.93
C VAL A 606 -9.64 -0.94 -15.96
N GLY A 607 -10.87 -0.72 -15.52
CA GLY A 607 -11.94 -0.20 -16.36
C GLY A 607 -11.60 1.17 -16.92
N LYS A 608 -11.14 2.09 -16.05
CA LYS A 608 -10.68 3.41 -16.50
C LYS A 608 -9.50 3.29 -17.49
N ASP A 609 -8.49 2.45 -17.19
CA ASP A 609 -7.33 2.28 -18.05
C ASP A 609 -7.71 1.72 -19.42
N LEU A 610 -8.66 0.80 -19.46
CA LEU A 610 -9.14 0.16 -20.68
C LEU A 610 -10.24 0.96 -21.41
N LYS A 611 -10.77 2.03 -20.78
CA LYS A 611 -11.85 2.87 -21.27
C LYS A 611 -13.08 2.04 -21.51
N VAL A 612 -13.41 1.18 -20.53
CA VAL A 612 -14.55 0.26 -20.56
C VAL A 612 -15.42 0.62 -19.38
N ASP A 613 -16.70 0.96 -19.60
CA ASP A 613 -17.58 1.31 -18.47
C ASP A 613 -18.41 0.10 -17.99
#